data_5A3P
#
_entry.id   5A3P
#
_cell.length_a   141.788
_cell.length_b   141.788
_cell.length_c   152.272
_cell.angle_alpha   90.00
_cell.angle_beta   90.00
_cell.angle_gamma   120.00
#
_symmetry.space_group_name_H-M   'P 65 2 2'
#
loop_
_entity.id
_entity.type
_entity.pdbx_description
1 polymer 'LYSINE-SPECIFIC DEMETHYLASE 5B'
2 non-polymer 'ZINC ION'
3 non-polymer 'MANGANESE (II) ION'
4 non-polymer '4-(2-HYDROXYETHYL)-1-PIPERAZINE ETHANESULFONIC ACID'
5 non-polymer 1,2-ETHANEDIOL
6 water water
#
_entity_poly.entity_id   1
_entity_poly.type   'polypeptide(L)'
_entity_poly.pdbx_seq_one_letter_code
;SMFLPPPECPVFEPSWEEFADPFAFIHKIRPIAEQTGICKVRPPPDWQPPFACDVDKLHFTPRIQRLNELEAQTRVKLGG
GGARDYTLRTFGEMADAFKSDYFNMPVHMVPTELVEKEFWRLVSTIEEDVTVEYGADIASKEFGSGFPVRDGKIKLSPEE
EEYLDSGWNLNNMPVMEQSVLAHITADICGMKLPWLYVGMCFSSFCWHIEDHWSYSINYLHWGEPKTWYGVPGYAAEQLE
NVMKKLAPELFVSQPDLLHQLVTIMNPNTLMTHEVPVYRTNQCAGEFVITFPRAYHSGFNQGFNFAEAVNFCTVDWLPLG
RQCVEHYRLLHRYCVFSHDEMICKMASKADVLDVVVASTVQKDMAIMIEDEKALRETVRKLGVIDSERMDFELLPDDERQ
CVKCKTTCFMSAISCSCKPGLLVCLHHVKELCSCPPYKYKLRYRYTLDDLYPMMNALKLRAESYNEWALNVNEALEAKI
;
_entity_poly.pdbx_strand_id   A
#
loop_
_chem_comp.id
_chem_comp.type
_chem_comp.name
_chem_comp.formula
EDO non-polymer 1,2-ETHANEDIOL 'C2 H6 O2'
EPE non-polymer '4-(2-HYDROXYETHYL)-1-PIPERAZINE ETHANESULFONIC ACID' 'C8 H18 N2 O4 S'
MN non-polymer 'MANGANESE (II) ION' 'Mn 2'
ZN non-polymer 'ZINC ION' 'Zn 2'
#
# COMPACT_ATOMS: atom_id res chain seq x y z
N SER A 1 30.63 -14.02 3.54
CA SER A 1 31.42 -13.11 4.33
C SER A 1 30.50 -12.19 5.12
N MET A 2 30.64 -10.88 4.93
CA MET A 2 29.88 -9.97 5.77
C MET A 2 28.48 -9.67 5.19
N PHE A 3 28.34 -9.51 3.88
CA PHE A 3 26.99 -9.49 3.30
C PHE A 3 26.85 -10.47 2.15
N LEU A 4 25.91 -11.40 2.29
CA LEU A 4 25.62 -12.33 1.21
C LEU A 4 24.34 -11.91 0.51
N PRO A 5 24.45 -11.44 -0.74
CA PRO A 5 23.25 -10.95 -1.42
C PRO A 5 22.20 -12.04 -1.58
N PRO A 6 20.94 -11.69 -1.26
CA PRO A 6 19.81 -12.59 -1.50
C PRO A 6 19.76 -12.98 -2.97
N PRO A 7 19.13 -14.12 -3.29
CA PRO A 7 18.97 -14.46 -4.71
C PRO A 7 18.12 -13.42 -5.43
N GLU A 8 18.28 -13.33 -6.74
CA GLU A 8 17.55 -12.37 -7.56
C GLU A 8 16.06 -12.73 -7.66
N CYS A 9 15.20 -11.71 -7.63
CA CYS A 9 13.77 -11.91 -7.85
C CYS A 9 13.53 -12.15 -9.35
N PRO A 10 12.32 -12.63 -9.70
CA PRO A 10 11.97 -12.82 -11.11
C PRO A 10 12.01 -11.52 -11.90
N VAL A 11 12.44 -11.60 -13.15
CA VAL A 11 12.43 -10.45 -14.06
C VAL A 11 11.63 -10.84 -15.30
N PHE A 12 10.67 -10.00 -15.68
CA PHE A 12 9.83 -10.31 -16.82
C PHE A 12 10.07 -9.32 -17.93
N GLU A 13 10.07 -9.81 -19.16
CA GLU A 13 10.23 -8.93 -20.32
C GLU A 13 9.07 -9.18 -21.26
N PRO A 14 7.89 -8.63 -20.94
CA PRO A 14 6.66 -8.89 -21.71
C PRO A 14 6.75 -8.40 -23.15
N SER A 15 6.14 -9.14 -24.06
CA SER A 15 5.98 -8.67 -25.44
C SER A 15 5.00 -7.53 -25.43
N TRP A 16 4.93 -6.78 -26.53
CA TRP A 16 3.93 -5.73 -26.66
C TRP A 16 2.53 -6.28 -26.41
N GLU A 17 2.29 -7.48 -26.91
CA GLU A 17 1.02 -8.16 -26.73
C GLU A 17 0.70 -8.38 -25.25
N GLU A 18 1.65 -8.95 -24.52
CA GLU A 18 1.47 -9.19 -23.08
C GLU A 18 1.36 -7.88 -22.29
N PHE A 19 2.16 -6.91 -22.70
CA PHE A 19 2.29 -5.62 -22.00
C PHE A 19 1.08 -4.72 -22.18
N ALA A 20 0.30 -4.96 -23.23
CA ALA A 20 -0.84 -4.11 -23.57
C ALA A 20 -1.85 -4.00 -22.42
N ASP A 21 -2.03 -5.07 -21.66
CA ASP A 21 -2.94 -5.03 -20.53
C ASP A 21 -2.20 -5.40 -19.24
N PRO A 22 -1.91 -4.39 -18.42
CA PRO A 22 -1.17 -4.61 -17.17
C PRO A 22 -1.85 -5.60 -16.24
N PHE A 23 -3.17 -5.55 -16.10
CA PHE A 23 -3.81 -6.44 -15.13
C PHE A 23 -3.82 -7.87 -15.62
N ALA A 24 -4.04 -8.06 -16.92
CA ALA A 24 -3.90 -9.38 -17.51
C ALA A 24 -2.48 -9.92 -17.29
N PHE A 25 -1.48 -9.06 -17.52
CA PHE A 25 -0.09 -9.46 -17.36
C PHE A 25 0.24 -9.83 -15.90
N ILE A 26 -0.19 -8.99 -14.97
CA ILE A 26 0.07 -9.22 -13.55
C ILE A 26 -0.58 -10.53 -13.11
N HIS A 27 -1.80 -10.78 -13.58
CA HIS A 27 -2.47 -12.04 -13.26
C HIS A 27 -1.67 -13.22 -13.82
N LYS A 28 -1.11 -13.04 -15.02
CA LYS A 28 -0.32 -14.09 -15.65
C LYS A 28 0.92 -14.45 -14.82
N ILE A 29 1.66 -13.46 -14.35
CA ILE A 29 2.92 -13.73 -13.65
C ILE A 29 2.73 -14.05 -12.17
N ARG A 30 1.52 -13.84 -11.68
CA ARG A 30 1.23 -13.99 -10.27
C ARG A 30 1.66 -15.33 -9.64
N PRO A 31 1.44 -16.47 -10.34
CA PRO A 31 1.88 -17.72 -9.72
C PRO A 31 3.37 -17.76 -9.42
N ILE A 32 4.17 -17.12 -10.27
CA ILE A 32 5.61 -17.04 -10.07
C ILE A 32 5.97 -15.98 -9.05
N ALA A 33 5.50 -14.75 -9.29
CA ALA A 33 5.92 -13.60 -8.50
C ALA A 33 5.39 -13.63 -7.06
N GLU A 34 4.26 -14.27 -6.81
CA GLU A 34 3.75 -14.26 -5.45
C GLU A 34 4.60 -15.14 -4.53
N GLN A 35 5.41 -16.03 -5.13
CA GLN A 35 6.33 -16.84 -4.36
C GLN A 35 7.60 -16.06 -3.97
N THR A 36 7.79 -14.89 -4.56
CA THR A 36 8.97 -14.09 -4.26
C THR A 36 8.62 -12.73 -3.69
N GLY A 37 7.33 -12.38 -3.73
CA GLY A 37 6.87 -11.14 -3.12
C GLY A 37 7.05 -9.93 -4.01
N ILE A 38 8.23 -9.79 -4.61
CA ILE A 38 8.44 -8.72 -5.58
C ILE A 38 8.90 -9.33 -6.91
N CYS A 39 8.69 -8.58 -7.99
CA CYS A 39 9.26 -8.93 -9.28
C CYS A 39 9.56 -7.65 -10.03
N LYS A 40 10.36 -7.77 -11.08
CA LYS A 40 10.73 -6.62 -11.89
C LYS A 40 10.15 -6.81 -13.29
N VAL A 41 9.70 -5.72 -13.89
CA VAL A 41 9.14 -5.79 -15.22
C VAL A 41 9.83 -4.78 -16.11
N ARG A 42 10.41 -5.28 -17.20
CA ARG A 42 11.01 -4.41 -18.21
C ARG A 42 10.03 -4.23 -19.35
N PRO A 43 9.57 -3.01 -19.58
CA PRO A 43 8.64 -2.78 -20.69
C PRO A 43 9.33 -3.04 -22.03
N PRO A 44 8.55 -3.24 -23.10
CA PRO A 44 9.12 -3.31 -24.44
C PRO A 44 10.05 -2.13 -24.71
N PRO A 45 11.13 -2.36 -25.46
CA PRO A 45 12.20 -1.37 -25.67
C PRO A 45 11.70 -0.01 -26.14
N ASP A 46 10.66 -0.01 -26.95
CA ASP A 46 10.16 1.24 -27.52
C ASP A 46 9.06 1.90 -26.65
N TRP A 47 8.59 1.22 -25.60
CA TRP A 47 7.71 1.89 -24.65
C TRP A 47 8.57 2.86 -23.83
N GLN A 48 8.56 4.13 -24.21
CA GLN A 48 9.40 5.12 -23.57
C GLN A 48 8.63 6.39 -23.28
N PRO A 49 7.95 6.44 -22.13
CA PRO A 49 7.18 7.63 -21.80
C PRO A 49 8.09 8.83 -21.68
N PRO A 50 7.73 9.96 -22.28
CA PRO A 50 8.63 11.11 -22.23
C PRO A 50 8.58 11.74 -20.86
N PHE A 51 9.74 12.13 -20.35
CA PHE A 51 9.81 12.83 -19.08
C PHE A 51 10.36 14.21 -19.32
N ALA A 52 9.67 15.22 -18.82
CA ALA A 52 10.17 16.58 -18.93
C ALA A 52 9.74 17.39 -17.72
N CYS A 53 10.70 18.10 -17.14
CA CYS A 53 10.42 18.97 -15.99
C CYS A 53 11.51 20.02 -15.87
N ASP A 54 11.17 21.14 -15.25
CA ASP A 54 12.16 22.18 -14.99
C ASP A 54 12.73 21.91 -13.61
N VAL A 55 14.01 21.59 -13.57
CA VAL A 55 14.64 21.23 -12.31
C VAL A 55 14.73 22.40 -11.35
N ASP A 56 14.49 23.62 -11.84
CA ASP A 56 14.58 24.81 -10.98
C ASP A 56 13.23 25.21 -10.39
N LYS A 57 12.15 24.71 -10.98
CA LYS A 57 10.81 25.12 -10.57
C LYS A 57 10.12 24.06 -9.73
N LEU A 58 10.60 22.82 -9.82
CA LEU A 58 10.12 21.77 -8.93
C LEU A 58 10.82 21.90 -7.58
N HIS A 59 10.04 22.13 -6.52
CA HIS A 59 10.51 22.34 -5.15
CA HIS A 59 10.66 22.16 -5.22
C HIS A 59 9.92 21.25 -4.26
N PHE A 60 10.61 20.87 -3.19
CA PHE A 60 10.01 19.97 -2.20
C PHE A 60 10.73 20.06 -0.87
N THR A 61 10.02 19.62 0.17
CA THR A 61 10.52 19.61 1.52
C THR A 61 11.17 18.28 1.81
N PRO A 62 12.48 18.28 2.08
CA PRO A 62 13.19 17.02 2.25
C PRO A 62 12.92 16.40 3.62
N ARG A 63 12.86 15.07 3.69
CA ARG A 63 12.81 14.39 4.98
C ARG A 63 14.25 13.98 5.34
N ILE A 64 14.57 14.00 6.64
CA ILE A 64 15.91 13.65 7.09
C ILE A 64 15.90 12.23 7.64
N GLN A 65 16.98 11.50 7.40
CA GLN A 65 16.98 10.09 7.73
C GLN A 65 18.30 9.62 8.34
N ARG A 66 18.24 9.12 9.57
CA ARG A 66 19.38 8.44 10.18
C ARG A 66 19.43 7.01 9.66
N LEU A 67 20.63 6.47 9.49
CA LEU A 67 20.80 5.13 8.94
C LEU A 67 21.32 4.11 9.95
N ASN A 68 20.47 3.68 10.87
CA ASN A 68 20.81 2.71 11.90
C ASN A 68 19.93 1.48 11.87
N GLU A 69 20.53 0.30 11.69
CA GLU A 69 19.75 -0.94 11.72
C GLU A 69 19.00 -1.07 13.03
N LEU A 70 17.75 -1.54 12.93
CA LEU A 70 16.83 -1.80 14.04
C LEU A 70 16.31 -0.53 14.74
N GLU A 71 16.78 0.63 14.34
CA GLU A 71 16.28 1.86 14.93
C GLU A 71 14.89 2.23 14.37
N ALA A 72 14.00 2.69 15.25
CA ALA A 72 12.64 3.03 14.85
C ALA A 72 12.60 4.27 13.96
N GLN A 73 11.85 4.18 12.87
CA GLN A 73 11.52 5.34 12.05
C GLN A 73 10.00 5.36 11.86
N THR A 74 9.44 6.54 11.63
CA THR A 74 8.02 6.61 11.37
C THR A 74 7.80 6.50 9.87
N ARG A 75 6.73 5.83 9.47
CA ARG A 75 6.56 5.42 8.07
C ARG A 75 6.22 6.58 7.13
N VAL A 76 5.11 7.26 7.39
CA VAL A 76 4.70 8.37 6.54
C VAL A 76 4.74 9.67 7.33
N LYS A 77 5.05 10.77 6.64
CA LYS A 77 5.12 12.07 7.30
C LYS A 77 4.69 13.19 6.35
N ARG A 84 13.32 23.11 5.88
CA ARG A 84 14.20 23.20 4.72
C ARG A 84 13.42 23.10 3.42
N ASP A 85 14.09 23.35 2.30
CA ASP A 85 13.45 23.22 0.99
C ASP A 85 14.50 23.14 -0.13
N TYR A 86 14.36 22.13 -0.99
CA TYR A 86 15.26 21.94 -2.13
C TYR A 86 14.51 22.17 -3.43
N THR A 87 15.19 22.66 -4.46
CA THR A 87 14.69 22.41 -5.81
C THR A 87 15.25 21.06 -6.25
N LEU A 88 14.72 20.52 -7.33
CA LEU A 88 15.24 19.27 -7.85
C LEU A 88 16.72 19.44 -8.17
N ARG A 89 17.11 20.61 -8.69
CA ARG A 89 18.52 20.88 -9.01
C ARG A 89 19.41 20.90 -7.77
N THR A 90 19.01 21.65 -6.75
CA THR A 90 19.85 21.76 -5.55
C THR A 90 19.89 20.44 -4.77
N PHE A 91 18.81 19.64 -4.83
CA PHE A 91 18.87 18.32 -4.21
C PHE A 91 19.85 17.43 -4.96
N GLY A 92 19.77 17.47 -6.28
CA GLY A 92 20.66 16.71 -7.14
C GLY A 92 22.12 17.05 -6.89
N GLU A 93 22.41 18.33 -6.73
CA GLU A 93 23.78 18.78 -6.47
C GLU A 93 24.26 18.27 -5.11
N MET A 94 23.41 18.36 -4.10
CA MET A 94 23.73 17.84 -2.78
C MET A 94 23.96 16.33 -2.87
N ALA A 95 23.07 15.64 -3.59
CA ALA A 95 23.11 14.18 -3.65
C ALA A 95 24.35 13.63 -4.34
N ASP A 96 24.69 14.20 -5.48
CA ASP A 96 25.86 13.78 -6.25
C ASP A 96 27.17 14.01 -5.46
N ALA A 97 27.28 15.18 -4.86
CA ALA A 97 28.43 15.54 -4.02
C ALA A 97 28.56 14.61 -2.81
N PHE A 98 27.44 14.30 -2.17
CA PHE A 98 27.45 13.37 -1.04
C PHE A 98 28.07 12.04 -1.46
N LYS A 99 27.58 11.46 -2.54
CA LYS A 99 28.03 10.15 -2.98
C LYS A 99 29.47 10.21 -3.46
N SER A 100 29.78 11.27 -4.21
CA SER A 100 31.12 11.49 -4.75
C SER A 100 32.14 11.62 -3.61
N ASP A 101 31.79 12.38 -2.58
CA ASP A 101 32.66 12.57 -1.42
C ASP A 101 32.76 11.35 -0.54
N TYR A 102 31.66 10.61 -0.42
CA TYR A 102 31.61 9.41 0.40
C TYR A 102 32.58 8.36 -0.08
N PHE A 103 32.70 8.20 -1.39
CA PHE A 103 33.51 7.13 -1.94
C PHE A 103 34.81 7.64 -2.57
N ASN A 104 34.99 8.97 -2.57
CA ASN A 104 36.09 9.62 -3.31
C ASN A 104 36.18 9.08 -4.75
N MET A 105 35.03 9.01 -5.40
CA MET A 105 34.92 8.50 -6.77
C MET A 105 33.86 9.29 -7.53
N PRO A 106 33.91 9.30 -8.88
CA PRO A 106 32.74 9.73 -9.66
C PRO A 106 31.57 8.74 -9.48
N VAL A 107 30.32 9.19 -9.52
CA VAL A 107 29.19 8.32 -9.09
C VAL A 107 28.93 7.06 -9.97
N HIS A 108 29.25 7.14 -11.26
CA HIS A 108 29.00 6.07 -12.20
C HIS A 108 30.01 4.99 -12.13
N MET A 109 31.06 5.27 -11.37
CA MET A 109 32.14 4.35 -11.26
C MET A 109 31.92 3.50 -10.03
N VAL A 110 31.09 3.97 -9.10
CA VAL A 110 30.83 3.21 -7.87
C VAL A 110 29.91 2.02 -8.15
N PRO A 111 30.47 0.81 -8.13
CA PRO A 111 29.73 -0.43 -8.40
C PRO A 111 28.53 -0.60 -7.48
N THR A 112 27.43 -1.15 -7.99
CA THR A 112 26.20 -1.27 -7.21
C THR A 112 26.41 -2.24 -6.06
N GLU A 113 27.19 -3.30 -6.31
CA GLU A 113 27.44 -4.29 -5.26
C GLU A 113 28.26 -3.68 -4.14
N LEU A 114 29.10 -2.69 -4.46
CA LEU A 114 29.87 -1.98 -3.42
C LEU A 114 28.96 -1.09 -2.57
N VAL A 115 28.07 -0.34 -3.23
CA VAL A 115 27.14 0.51 -2.48
C VAL A 115 26.28 -0.36 -1.54
N GLU A 116 25.85 -1.51 -2.03
CA GLU A 116 25.02 -2.43 -1.24
C GLU A 116 25.77 -2.97 -0.04
N LYS A 117 26.99 -3.45 -0.29
CA LYS A 117 27.85 -3.96 0.78
C LYS A 117 28.08 -2.87 1.82
N GLU A 118 28.36 -1.66 1.35
CA GLU A 118 28.66 -0.55 2.25
C GLU A 118 27.45 -0.09 3.02
N PHE A 119 26.28 -0.14 2.39
CA PHE A 119 25.04 0.21 3.09
C PHE A 119 24.86 -0.67 4.30
N TRP A 120 24.99 -1.97 4.13
CA TRP A 120 24.74 -2.87 5.23
C TRP A 120 25.85 -2.77 6.29
N ARG A 121 27.04 -2.35 5.90
CA ARG A 121 28.10 -2.05 6.87
C ARG A 121 27.72 -0.83 7.69
N LEU A 122 27.35 0.27 7.04
CA LEU A 122 27.18 1.50 7.80
C LEU A 122 25.96 1.48 8.72
N VAL A 123 24.90 0.77 8.33
CA VAL A 123 23.70 0.76 9.17
C VAL A 123 23.92 -0.11 10.42
N SER A 124 24.88 -1.02 10.36
CA SER A 124 25.11 -1.96 11.46
C SER A 124 26.16 -1.45 12.45
N THR A 125 26.95 -0.47 12.00
CA THR A 125 28.04 0.09 12.80
C THR A 125 27.61 1.30 13.65
N ILE A 126 27.58 1.12 14.96
CA ILE A 126 27.17 2.20 15.88
C ILE A 126 28.03 3.45 15.74
N GLU A 127 29.32 3.26 15.47
CA GLU A 127 30.27 4.36 15.36
C GLU A 127 29.94 5.32 14.20
N GLU A 128 29.38 4.79 13.12
CA GLU A 128 28.96 5.61 11.98
C GLU A 128 27.63 6.29 12.27
N ASP A 129 27.53 7.58 11.97
CA ASP A 129 26.26 8.29 12.09
C ASP A 129 25.94 9.06 10.79
N VAL A 130 25.72 8.30 9.72
CA VAL A 130 25.40 8.85 8.42
C VAL A 130 23.93 9.27 8.37
N THR A 131 23.67 10.50 7.96
CA THR A 131 22.30 10.92 7.74
C THR A 131 22.13 11.36 6.29
N VAL A 132 20.97 11.03 5.72
CA VAL A 132 20.71 11.39 4.34
C VAL A 132 19.32 12.03 4.26
N GLU A 133 18.99 12.55 3.09
CA GLU A 133 17.72 13.22 2.86
C GLU A 133 17.03 12.66 1.62
N TYR A 134 15.73 12.83 1.54
CA TYR A 134 14.99 12.35 0.39
C TYR A 134 13.67 13.07 0.26
N GLY A 135 13.02 12.89 -0.88
CA GLY A 135 11.70 13.46 -1.07
C GLY A 135 10.67 12.34 -1.13
N ALA A 136 9.52 12.56 -0.50
CA ALA A 136 8.39 11.65 -0.63
C ALA A 136 7.10 12.44 -0.47
N ASP A 137 6.28 12.49 -1.51
CA ASP A 137 5.01 13.24 -1.44
C ASP A 137 4.06 12.85 -2.57
N ILE A 138 2.76 13.00 -2.34
CA ILE A 138 1.80 12.72 -3.41
C ILE A 138 1.90 13.81 -4.43
N ALA A 139 1.44 13.51 -5.65
CA ALA A 139 1.45 14.50 -6.72
C ALA A 139 0.69 15.75 -6.29
N SER A 140 1.28 16.92 -6.57
CA SER A 140 0.63 18.20 -6.30
C SER A 140 1.02 19.20 -7.39
N LYS A 141 0.45 20.40 -7.34
CA LYS A 141 0.74 21.41 -8.34
C LYS A 141 2.18 21.92 -8.23
N GLU A 142 2.75 21.82 -7.03
CA GLU A 142 4.14 22.19 -6.82
C GLU A 142 5.08 21.10 -7.32
N PHE A 143 4.54 19.89 -7.50
CA PHE A 143 5.33 18.74 -7.90
C PHE A 143 4.41 17.61 -8.40
N GLY A 144 4.24 17.51 -9.72
CA GLY A 144 3.28 16.56 -10.28
C GLY A 144 3.85 15.23 -10.74
N SER A 145 2.99 14.37 -11.28
CA SER A 145 3.38 13.07 -11.80
C SER A 145 4.53 13.16 -12.82
N GLY A 146 5.35 12.13 -12.88
CA GLY A 146 6.38 12.04 -13.90
C GLY A 146 5.81 11.55 -15.23
N PHE A 147 4.59 11.02 -15.20
CA PHE A 147 3.95 10.55 -16.43
C PHE A 147 3.11 11.70 -17.02
N PRO A 148 2.82 11.63 -18.34
CA PRO A 148 1.95 12.64 -18.93
C PRO A 148 0.55 12.62 -18.33
N VAL A 149 0.03 13.81 -18.00
CA VAL A 149 -1.33 13.95 -17.51
C VAL A 149 -2.08 14.98 -18.36
N ARG A 150 -3.38 14.79 -18.52
CA ARG A 150 -4.18 15.72 -19.31
C ARG A 150 -4.31 17.07 -18.60
N ASP A 151 -3.97 18.15 -19.32
CA ASP A 151 -4.21 19.50 -18.85
C ASP A 151 -3.91 20.52 -19.96
N ILE A 154 -1.90 23.58 -20.76
CA ILE A 154 -0.67 23.01 -21.31
C ILE A 154 -0.95 22.13 -22.53
N LYS A 155 -0.43 22.55 -23.68
CA LYS A 155 -0.53 21.75 -24.90
C LYS A 155 0.53 20.64 -24.89
N LEU A 156 0.08 19.39 -25.02
CA LEU A 156 0.96 18.23 -24.97
C LEU A 156 1.49 17.87 -26.36
N SER A 157 2.71 17.32 -26.40
CA SER A 157 3.26 16.78 -27.64
C SER A 157 2.59 15.46 -28.01
N PRO A 158 2.60 15.08 -29.30
CA PRO A 158 2.06 13.78 -29.70
C PRO A 158 2.67 12.60 -28.93
N GLU A 159 3.97 12.64 -28.67
CA GLU A 159 4.61 11.54 -27.92
C GLU A 159 4.03 11.44 -26.51
N GLU A 160 3.81 12.57 -25.86
CA GLU A 160 3.16 12.61 -24.54
C GLU A 160 1.75 12.04 -24.63
N GLU A 161 1.04 12.41 -25.69
CA GLU A 161 -0.34 11.97 -25.89
C GLU A 161 -0.43 10.46 -26.03
N GLU A 162 0.58 9.85 -26.65
CA GLU A 162 0.63 8.40 -26.78
C GLU A 162 0.56 7.65 -25.43
N TYR A 163 1.02 8.28 -24.35
CA TYR A 163 1.17 7.60 -23.07
C TYR A 163 0.10 8.04 -22.07
N LEU A 164 -0.81 8.90 -22.53
CA LEU A 164 -1.82 9.45 -21.65
C LEU A 164 -2.74 8.38 -21.06
N ASP A 165 -3.05 7.38 -21.89
CA ASP A 165 -4.06 6.42 -21.52
C ASP A 165 -3.47 5.05 -21.27
N SER A 166 -2.14 4.99 -21.24
CA SER A 166 -1.48 3.71 -20.96
C SER A 166 -1.92 3.17 -19.61
N GLY A 167 -2.17 1.86 -19.54
CA GLY A 167 -2.41 1.23 -18.26
C GLY A 167 -1.21 1.33 -17.33
N TRP A 168 -0.02 1.49 -17.90
CA TRP A 168 1.21 1.54 -17.11
C TRP A 168 1.58 2.98 -16.76
N ASN A 169 0.83 3.95 -17.27
CA ASN A 169 0.90 5.30 -16.75
C ASN A 169 0.26 5.26 -15.37
N LEU A 170 1.05 5.44 -14.32
CA LEU A 170 0.56 5.12 -12.98
C LEU A 170 -0.59 6.03 -12.49
N ASN A 171 -0.92 7.09 -13.21
CA ASN A 171 -2.13 7.85 -12.90
C ASN A 171 -3.41 7.12 -13.30
N ASN A 172 -3.32 6.32 -14.34
CA ASN A 172 -4.47 5.60 -14.84
C ASN A 172 -4.80 4.35 -14.04
N MET A 173 -3.79 3.52 -13.84
CA MET A 173 -3.92 2.23 -13.15
C MET A 173 -4.92 2.22 -11.98
N PRO A 174 -4.96 3.28 -11.14
CA PRO A 174 -6.02 3.44 -10.15
C PRO A 174 -7.45 3.33 -10.71
N VAL A 175 -7.81 4.26 -11.59
CA VAL A 175 -9.15 4.32 -12.15
C VAL A 175 -9.32 3.35 -13.30
N MET A 176 -8.41 2.38 -13.39
CA MET A 176 -8.26 1.56 -14.60
C MET A 176 -8.98 0.21 -14.63
N GLU A 177 -10.32 0.20 -14.55
CA GLU A 177 -11.06 -0.98 -14.98
C GLU A 177 -10.99 -2.10 -13.93
N GLN A 178 -9.84 -2.27 -13.30
CA GLN A 178 -9.67 -3.39 -12.40
C GLN A 178 -9.09 -3.06 -11.03
N SER A 179 -8.78 -1.81 -10.72
CA SER A 179 -8.52 -1.52 -9.30
C SER A 179 -9.82 -1.16 -8.59
N VAL A 180 -10.30 -2.09 -7.76
CA VAL A 180 -11.49 -1.89 -6.96
C VAL A 180 -11.30 -0.65 -6.08
N LEU A 181 -10.05 -0.24 -5.88
CA LEU A 181 -9.72 0.99 -5.20
C LEU A 181 -10.30 2.21 -5.94
N ALA A 182 -10.54 2.06 -7.23
CA ALA A 182 -11.08 3.15 -8.04
C ALA A 182 -12.48 3.52 -7.58
N HIS A 183 -13.25 2.49 -7.27
CA HIS A 183 -14.66 2.66 -6.95
C HIS A 183 -14.89 3.33 -5.60
N ILE A 184 -13.88 3.30 -4.74
CA ILE A 184 -13.98 3.95 -3.44
C ILE A 184 -14.27 5.45 -3.58
N THR A 185 -15.44 5.85 -3.11
CA THR A 185 -15.84 7.26 -3.14
C THR A 185 -15.32 7.96 -1.89
N ALA A 186 -14.96 7.17 -0.88
CA ALA A 186 -14.34 7.70 0.34
C ALA A 186 -13.00 8.37 0.04
N ASP A 187 -12.65 9.34 0.87
CA ASP A 187 -11.39 10.06 0.72
C ASP A 187 -10.25 9.15 1.15
N ILE A 188 -9.44 8.70 0.19
CA ILE A 188 -8.27 7.89 0.49
C ILE A 188 -7.08 8.35 -0.34
N CYS A 189 -7.00 9.67 -0.55
CA CYS A 189 -5.98 10.27 -1.42
C CYS A 189 -4.57 9.78 -1.14
N GLY A 190 -4.20 9.73 0.14
CA GLY A 190 -2.90 9.23 0.55
C GLY A 190 -2.59 7.83 0.05
N MET A 191 -3.64 7.04 -0.21
CA MET A 191 -3.45 5.67 -0.63
C MET A 191 -3.69 5.44 -2.12
N LYS A 192 -4.54 6.24 -2.75
CA LYS A 192 -4.94 6.00 -4.14
C LYS A 192 -4.17 6.86 -5.18
N LEU A 193 -3.62 7.99 -4.75
CA LEU A 193 -2.87 8.85 -5.67
C LEU A 193 -1.42 8.38 -5.75
N PRO A 194 -0.75 8.61 -6.89
CA PRO A 194 0.67 8.25 -6.97
C PRO A 194 1.51 9.08 -6.02
N TRP A 195 2.59 8.47 -5.53
CA TRP A 195 3.58 9.19 -4.74
C TRP A 195 4.84 9.38 -5.56
N LEU A 196 5.49 10.52 -5.37
CA LEU A 196 6.76 10.81 -6.03
C LEU A 196 7.91 10.73 -5.04
N TYR A 197 9.01 10.12 -5.47
CA TYR A 197 10.15 9.90 -4.58
C TYR A 197 11.45 10.39 -5.20
N VAL A 198 12.08 11.36 -4.57
CA VAL A 198 13.40 11.78 -5.00
C VAL A 198 14.45 11.10 -4.09
N GLY A 199 15.25 10.20 -4.65
CA GLY A 199 16.22 9.46 -3.85
C GLY A 199 17.64 10.01 -3.92
N MET A 200 18.47 9.62 -2.95
CA MET A 200 19.92 9.85 -3.03
C MET A 200 20.62 8.59 -2.49
N CYS A 201 21.93 8.51 -2.69
CA CYS A 201 22.69 7.35 -2.23
C CYS A 201 22.38 7.03 -0.75
N PHE A 202 21.98 5.79 -0.50
CA PHE A 202 21.65 5.24 0.81
C PHE A 202 20.27 5.66 1.37
N SER A 203 19.56 6.59 0.73
CA SER A 203 18.24 6.94 1.27
C SER A 203 17.39 5.70 1.16
N SER A 204 16.64 5.36 2.21
CA SER A 204 16.08 4.03 2.23
C SER A 204 14.63 3.96 2.65
N PHE A 205 13.99 2.89 2.26
CA PHE A 205 12.63 2.63 2.72
C PHE A 205 12.67 1.41 3.61
N CYS A 206 12.14 1.55 4.82
CA CYS A 206 12.16 0.48 5.82
C CYS A 206 11.22 -0.67 5.44
N TRP A 207 11.42 -1.82 6.09
CA TRP A 207 10.56 -2.97 5.89
C TRP A 207 9.10 -2.62 6.18
N HIS A 208 8.22 -2.92 5.22
CA HIS A 208 6.81 -2.65 5.42
C HIS A 208 5.98 -3.46 4.43
N ILE A 209 4.68 -3.55 4.71
CA ILE A 209 3.71 -4.02 3.70
C ILE A 209 2.74 -2.89 3.46
N GLU A 210 1.99 -2.95 2.35
CA GLU A 210 1.09 -1.85 2.01
C GLU A 210 -0.17 -1.91 2.87
N ASP A 211 -0.77 -0.75 3.08
CA ASP A 211 -2.07 -0.67 3.74
C ASP A 211 -3.08 -1.58 3.07
N HIS A 212 -3.86 -2.29 3.89
CA HIS A 212 -4.89 -3.22 3.42
C HIS A 212 -4.31 -4.33 2.57
N TRP A 213 -3.00 -4.59 2.73
CA TRP A 213 -2.30 -5.62 1.97
C TRP A 213 -2.47 -5.45 0.46
N SER A 214 -2.48 -4.22 -0.01
CA SER A 214 -2.64 -3.99 -1.45
C SER A 214 -1.37 -4.35 -2.22
N TYR A 215 -1.50 -4.49 -3.55
CA TYR A 215 -0.35 -4.42 -4.45
C TYR A 215 0.28 -3.04 -4.42
N SER A 216 1.53 -2.92 -4.87
CA SER A 216 2.06 -1.62 -5.25
C SER A 216 2.87 -1.82 -6.54
N ILE A 217 3.03 -0.75 -7.29
CA ILE A 217 3.84 -0.77 -8.50
C ILE A 217 4.66 0.51 -8.52
N ASN A 218 5.95 0.36 -8.81
CA ASN A 218 6.91 1.45 -8.70
C ASN A 218 7.63 1.60 -10.03
N TYR A 219 7.67 2.81 -10.55
CA TYR A 219 8.40 3.06 -11.79
C TYR A 219 9.55 3.99 -11.53
N LEU A 220 10.74 3.60 -11.96
CA LEU A 220 11.89 4.50 -11.80
C LEU A 220 12.04 5.32 -13.07
N HIS A 221 11.70 6.60 -13.00
CA HIS A 221 11.67 7.46 -14.19
C HIS A 221 13.08 7.68 -14.74
N TRP A 222 14.01 8.01 -13.85
CA TRP A 222 15.40 8.20 -14.23
C TRP A 222 16.32 8.23 -13.02
N GLY A 223 17.61 8.13 -13.30
CA GLY A 223 18.64 8.26 -12.30
C GLY A 223 19.30 6.93 -12.04
N GLU A 224 20.06 6.89 -10.95
CA GLU A 224 20.75 5.66 -10.55
C GLU A 224 19.76 4.66 -9.93
N PRO A 225 20.15 3.39 -9.87
CA PRO A 225 19.18 2.35 -9.51
C PRO A 225 18.64 2.40 -8.09
N LYS A 226 17.51 1.71 -7.90
CA LYS A 226 16.95 1.48 -6.57
C LYS A 226 17.12 0.00 -6.25
N THR A 227 17.76 -0.30 -5.13
CA THR A 227 17.96 -1.68 -4.71
C THR A 227 16.79 -2.16 -3.82
N TRP A 228 16.20 -3.31 -4.13
CA TRP A 228 15.06 -3.81 -3.39
C TRP A 228 15.33 -5.13 -2.71
N TYR A 229 14.66 -5.35 -1.59
CA TYR A 229 14.54 -6.66 -0.98
C TYR A 229 13.06 -6.96 -0.76
N GLY A 230 12.66 -8.19 -1.05
CA GLY A 230 11.27 -8.58 -0.91
C GLY A 230 11.11 -9.96 -0.35
N VAL A 231 9.98 -10.16 0.32
CA VAL A 231 9.63 -11.40 1.00
C VAL A 231 8.21 -11.78 0.57
N PRO A 232 7.99 -13.06 0.19
CA PRO A 232 6.66 -13.44 -0.28
C PRO A 232 5.59 -13.29 0.80
N GLY A 233 4.36 -13.06 0.37
CA GLY A 233 3.25 -12.93 1.30
C GLY A 233 3.12 -14.07 2.30
N TYR A 234 3.41 -15.30 1.88
CA TYR A 234 3.20 -16.43 2.77
C TYR A 234 4.16 -16.40 3.97
N ALA A 235 5.22 -15.60 3.89
CA ALA A 235 6.20 -15.57 4.97
C ALA A 235 6.06 -14.32 5.84
N ALA A 236 4.98 -13.56 5.64
CA ALA A 236 4.80 -12.30 6.36
C ALA A 236 4.89 -12.47 7.90
N GLU A 237 4.24 -13.49 8.43
CA GLU A 237 4.24 -13.64 9.88
C GLU A 237 5.57 -14.17 10.39
N GLN A 238 6.26 -14.98 9.60
CA GLN A 238 7.62 -15.38 9.94
C GLN A 238 8.50 -14.15 10.14
N LEU A 239 8.43 -13.23 9.19
CA LEU A 239 9.24 -12.02 9.26
C LEU A 239 8.90 -11.19 10.48
N GLU A 240 7.61 -11.06 10.77
CA GLU A 240 7.21 -10.23 11.91
C GLU A 240 7.69 -10.84 13.23
N ASN A 241 7.64 -12.16 13.33
CA ASN A 241 8.16 -12.82 14.52
C ASN A 241 9.66 -12.58 14.69
N VAL A 242 10.42 -12.61 13.60
CA VAL A 242 11.86 -12.32 13.69
C VAL A 242 12.07 -10.88 14.16
N MET A 243 11.35 -9.96 13.53
CA MET A 243 11.44 -8.55 13.87
C MET A 243 11.04 -8.27 15.32
N LYS A 244 9.96 -8.91 15.75
CA LYS A 244 9.44 -8.70 17.10
C LYS A 244 10.47 -9.15 18.15
N LYS A 245 11.14 -10.25 17.88
CA LYS A 245 12.17 -10.74 18.79
C LYS A 245 13.36 -9.77 18.86
N LEU A 246 13.78 -9.23 17.72
CA LEU A 246 14.96 -8.36 17.69
C LEU A 246 14.68 -6.88 17.98
N ALA A 247 13.43 -6.43 17.79
CA ALA A 247 13.10 -5.01 18.02
C ALA A 247 11.66 -4.82 18.46
N PRO A 248 11.33 -5.27 19.69
CA PRO A 248 9.94 -5.27 20.18
C PRO A 248 9.31 -3.90 20.24
N GLU A 249 10.14 -2.86 20.36
CA GLU A 249 9.68 -1.47 20.40
C GLU A 249 8.76 -1.12 19.22
N LEU A 250 8.99 -1.76 18.09
CA LEU A 250 8.24 -1.47 16.86
C LEU A 250 6.84 -2.07 16.89
N PHE A 251 6.55 -2.87 17.90
CA PHE A 251 5.30 -3.61 17.91
C PHE A 251 4.33 -3.16 19.01
N VAL A 252 4.65 -2.04 19.66
CA VAL A 252 3.74 -1.47 20.64
C VAL A 252 2.55 -0.79 19.93
N SER A 253 1.43 -0.67 20.63
CA SER A 253 0.23 -0.10 20.05
C SER A 253 0.43 1.37 19.68
N GLN A 254 -0.11 1.78 18.54
CA GLN A 254 0.05 3.15 18.07
C GLN A 254 -1.30 3.90 18.06
N PRO A 255 -1.26 5.20 18.42
CA PRO A 255 -2.47 6.03 18.56
C PRO A 255 -3.21 6.27 17.26
N ASP A 256 -2.52 6.16 16.12
CA ASP A 256 -3.15 6.35 14.82
C ASP A 256 -2.28 5.87 13.66
N LEU A 257 -2.76 6.11 12.44
CA LEU A 257 -2.09 5.68 11.22
C LEU A 257 -0.79 6.45 10.97
N LEU A 258 -0.69 7.63 11.56
CA LEU A 258 0.45 8.50 11.34
C LEU A 258 1.60 8.20 12.30
N HIS A 259 1.53 7.05 12.98
CA HIS A 259 2.52 6.70 13.98
C HIS A 259 3.08 5.30 13.80
N GLN A 260 2.84 4.69 12.65
CA GLN A 260 3.39 3.37 12.35
C GLN A 260 4.92 3.39 12.42
N LEU A 261 5.49 2.45 13.17
CA LEU A 261 6.94 2.38 13.32
C LEU A 261 7.51 1.31 12.40
N VAL A 262 8.62 1.62 11.75
CA VAL A 262 9.25 0.70 10.82
C VAL A 262 10.77 0.79 10.97
N THR A 263 11.49 -0.19 10.42
CA THR A 263 12.94 -0.19 10.59
C THR A 263 13.73 -0.81 9.44
N ILE A 264 15.01 -0.46 9.39
CA ILE A 264 16.01 -1.09 8.56
C ILE A 264 16.46 -2.41 9.19
N MET A 265 16.49 -3.47 8.40
CA MET A 265 17.03 -4.73 8.92
C MET A 265 17.69 -5.56 7.81
N ASN A 266 18.91 -6.00 8.07
CA ASN A 266 19.67 -6.82 7.14
C ASN A 266 18.91 -8.05 6.66
N PRO A 267 18.76 -8.22 5.33
CA PRO A 267 18.10 -9.41 4.79
C PRO A 267 18.79 -10.70 5.25
N ASN A 268 20.10 -10.66 5.50
CA ASN A 268 20.81 -11.87 5.95
C ASN A 268 20.29 -12.34 7.30
N THR A 269 19.88 -11.39 8.14
CA THR A 269 19.28 -11.73 9.42
C THR A 269 18.00 -12.53 9.21
N LEU A 270 17.15 -12.07 8.29
CA LEU A 270 15.93 -12.81 7.94
C LEU A 270 16.27 -14.18 7.37
N MET A 271 17.23 -14.22 6.46
CA MET A 271 17.62 -15.47 5.82
C MET A 271 18.19 -16.48 6.84
N THR A 272 18.88 -15.97 7.85
CA THR A 272 19.40 -16.81 8.92
C THR A 272 18.24 -17.46 9.69
N HIS A 273 17.10 -16.77 9.72
CA HIS A 273 15.94 -17.31 10.40
C HIS A 273 14.96 -17.99 9.46
N GLU A 274 15.46 -18.44 8.31
CA GLU A 274 14.70 -19.17 7.30
C GLU A 274 13.53 -18.40 6.70
N VAL A 275 13.62 -17.08 6.71
CA VAL A 275 12.69 -16.26 5.95
C VAL A 275 13.24 -16.02 4.55
N PRO A 276 12.51 -16.47 3.51
CA PRO A 276 12.95 -16.27 2.13
C PRO A 276 12.96 -14.81 1.72
N VAL A 277 14.08 -14.35 1.16
CA VAL A 277 14.25 -12.96 0.75
C VAL A 277 14.83 -12.92 -0.67
N TYR A 278 14.30 -12.04 -1.51
CA TYR A 278 14.83 -11.85 -2.85
C TYR A 278 15.28 -10.40 -3.05
N ARG A 279 16.17 -10.16 -4.01
CA ARG A 279 16.67 -8.83 -4.24
C ARG A 279 16.52 -8.46 -5.71
N THR A 280 16.66 -7.18 -6.01
CA THR A 280 16.83 -6.73 -7.38
C THR A 280 17.35 -5.31 -7.39
N ASN A 281 18.07 -4.95 -8.46
CA ASN A 281 18.37 -3.56 -8.73
C ASN A 281 17.41 -3.11 -9.82
N GLN A 282 16.52 -2.19 -9.45
CA GLN A 282 15.61 -1.58 -10.40
C GLN A 282 16.33 -0.43 -11.07
N CYS A 283 16.49 -0.49 -12.38
CA CYS A 283 17.12 0.60 -13.12
C CYS A 283 16.08 1.51 -13.78
N ALA A 284 16.53 2.69 -14.21
CA ALA A 284 15.68 3.66 -14.90
C ALA A 284 14.90 2.97 -16.02
N GLY A 285 13.60 3.22 -16.10
CA GLY A 285 12.76 2.59 -17.12
C GLY A 285 12.17 1.27 -16.72
N GLU A 286 12.43 0.81 -15.49
CA GLU A 286 11.90 -0.48 -15.07
C GLU A 286 10.87 -0.35 -13.97
N PHE A 287 9.95 -1.31 -13.94
CA PHE A 287 8.93 -1.40 -12.92
C PHE A 287 9.30 -2.47 -11.91
N VAL A 288 8.99 -2.21 -10.65
CA VAL A 288 8.92 -3.24 -9.63
C VAL A 288 7.46 -3.33 -9.14
N ILE A 289 6.94 -4.55 -9.03
CA ILE A 289 5.60 -4.79 -8.50
C ILE A 289 5.72 -5.57 -7.18
N THR A 290 5.03 -5.11 -6.15
CA THR A 290 4.96 -5.87 -4.89
C THR A 290 3.57 -6.48 -4.77
N PHE A 291 3.51 -7.71 -4.26
CA PHE A 291 2.25 -8.46 -4.15
C PHE A 291 1.63 -8.34 -2.75
N PRO A 292 0.34 -8.72 -2.60
CA PRO A 292 -0.33 -8.59 -1.30
C PRO A 292 0.44 -9.21 -0.13
N ARG A 293 0.62 -8.39 0.92
CA ARG A 293 1.29 -8.80 2.16
C ARG A 293 2.75 -9.19 1.96
N ALA A 294 3.36 -8.71 0.86
CA ALA A 294 4.78 -8.96 0.60
C ALA A 294 5.64 -7.87 1.23
N TYR A 295 6.37 -8.24 2.27
CA TYR A 295 7.26 -7.28 2.93
C TYR A 295 8.34 -6.84 1.96
N HIS A 296 8.69 -5.56 1.99
CA HIS A 296 9.80 -5.10 1.16
C HIS A 296 10.49 -3.92 1.76
N SER A 297 11.75 -3.74 1.37
CA SER A 297 12.58 -2.66 1.85
C SER A 297 13.66 -2.42 0.81
N GLY A 298 14.42 -1.34 0.96
CA GLY A 298 15.52 -1.10 0.06
C GLY A 298 16.18 0.25 0.24
N PHE A 299 16.98 0.65 -0.74
CA PHE A 299 17.70 1.91 -0.64
C PHE A 299 18.09 2.33 -2.05
N ASN A 300 18.30 3.63 -2.22
CA ASN A 300 18.69 4.15 -3.51
C ASN A 300 20.22 4.14 -3.68
N GLN A 301 20.68 3.88 -4.90
CA GLN A 301 22.09 3.83 -5.20
C GLN A 301 22.65 5.23 -5.45
N GLY A 302 21.78 6.20 -5.69
CA GLY A 302 22.23 7.54 -6.00
C GLY A 302 21.03 8.41 -6.33
N PHE A 303 21.29 9.60 -6.87
CA PHE A 303 20.23 10.56 -7.20
C PHE A 303 19.27 9.92 -8.21
N ASN A 304 17.98 9.89 -7.88
CA ASN A 304 17.02 9.32 -8.80
C ASN A 304 15.59 9.83 -8.54
N PHE A 305 14.64 9.40 -9.37
CA PHE A 305 13.26 9.90 -9.31
C PHE A 305 12.31 8.80 -9.66
N ALA A 306 11.48 8.43 -8.70
CA ALA A 306 10.58 7.31 -8.85
C ALA A 306 9.15 7.74 -8.58
N GLU A 307 8.22 6.88 -8.98
CA GLU A 307 6.79 7.12 -8.84
C GLU A 307 6.13 5.80 -8.59
N ALA A 308 5.23 5.77 -7.61
CA ALA A 308 4.62 4.53 -7.19
C ALA A 308 3.15 4.71 -6.80
N VAL A 309 2.38 3.65 -6.92
CA VAL A 309 0.97 3.70 -6.54
C VAL A 309 0.51 2.34 -6.07
N ASN A 310 -0.41 2.35 -5.11
CA ASN A 310 -1.08 1.14 -4.65
C ASN A 310 -2.22 0.77 -5.57
N PHE A 311 -2.54 -0.51 -5.67
CA PHE A 311 -3.71 -0.92 -6.41
C PHE A 311 -4.22 -2.27 -5.91
N CYS A 312 -5.46 -2.58 -6.26
CA CYS A 312 -6.10 -3.79 -5.81
C CYS A 312 -6.84 -4.46 -6.95
N THR A 313 -6.44 -5.69 -7.25
CA THR A 313 -7.06 -6.49 -8.29
C THR A 313 -8.17 -7.32 -7.67
N VAL A 314 -8.89 -8.11 -8.49
CA VAL A 314 -9.94 -8.98 -7.95
C VAL A 314 -9.35 -10.17 -7.19
N ASP A 315 -8.16 -10.62 -7.58
CA ASP A 315 -7.42 -11.61 -6.80
C ASP A 315 -7.30 -11.20 -5.33
N TRP A 316 -7.23 -9.89 -5.11
CA TRP A 316 -6.92 -9.32 -3.81
C TRP A 316 -8.10 -9.29 -2.86
N LEU A 317 -9.33 -9.27 -3.40
CA LEU A 317 -10.52 -9.05 -2.57
C LEU A 317 -10.59 -9.91 -1.29
N PRO A 318 -10.41 -11.25 -1.40
CA PRO A 318 -10.45 -12.04 -0.16
C PRO A 318 -9.37 -11.65 0.84
N LEU A 319 -8.20 -11.29 0.34
CA LEU A 319 -7.10 -10.87 1.21
C LEU A 319 -7.39 -9.56 1.89
N GLY A 320 -8.05 -8.67 1.14
CA GLY A 320 -8.50 -7.41 1.72
C GLY A 320 -9.41 -7.64 2.93
N ARG A 321 -10.32 -8.62 2.81
CA ARG A 321 -11.21 -8.94 3.92
C ARG A 321 -10.41 -9.52 5.10
N GLN A 322 -9.49 -10.43 4.78
N GLN A 322 -9.49 -10.43 4.78
CA GLN A 322 -8.63 -11.02 5.80
CA GLN A 322 -8.62 -11.03 5.79
C GLN A 322 -7.77 -9.97 6.48
C GLN A 322 -7.77 -9.97 6.48
N CYS A 323 -7.31 -8.98 5.72
CA CYS A 323 -6.48 -7.93 6.29
C CYS A 323 -7.23 -7.12 7.35
N VAL A 324 -8.49 -6.77 7.07
CA VAL A 324 -9.26 -5.98 8.00
C VAL A 324 -9.54 -6.78 9.27
N GLU A 325 -9.77 -8.07 9.11
CA GLU A 325 -9.87 -8.98 10.25
C GLU A 325 -8.58 -8.94 11.07
N HIS A 326 -7.44 -8.98 10.38
CA HIS A 326 -6.14 -8.89 11.05
C HIS A 326 -5.97 -7.56 11.78
N TYR A 327 -6.38 -6.46 11.15
CA TYR A 327 -6.29 -5.15 11.80
C TYR A 327 -7.12 -5.14 13.08
N ARG A 328 -8.27 -5.81 13.06
CA ARG A 328 -9.16 -5.84 14.21
C ARG A 328 -8.46 -6.54 15.38
N LEU A 329 -7.89 -7.70 15.10
CA LEU A 329 -7.16 -8.46 16.13
C LEU A 329 -6.03 -7.62 16.75
N LEU A 330 -5.37 -6.82 15.92
CA LEU A 330 -4.26 -5.99 16.36
C LEU A 330 -4.67 -4.62 16.85
N HIS A 331 -5.96 -4.30 16.73
CA HIS A 331 -6.45 -2.94 17.03
C HIS A 331 -5.79 -1.89 16.15
N ARG A 332 -5.55 -2.23 14.88
CA ARG A 332 -4.97 -1.27 13.92
C ARG A 332 -6.07 -0.48 13.19
N TYR A 333 -5.86 0.81 13.02
CA TYR A 333 -6.77 1.64 12.24
C TYR A 333 -6.82 1.23 10.77
N CYS A 334 -7.98 1.41 10.16
CA CYS A 334 -8.20 1.12 8.75
C CYS A 334 -8.03 2.38 7.94
N VAL A 335 -7.60 2.25 6.69
CA VAL A 335 -7.62 3.40 5.80
C VAL A 335 -9.03 3.63 5.26
N PHE A 336 -9.74 2.55 4.99
CA PHE A 336 -11.14 2.64 4.54
C PHE A 336 -11.89 1.41 5.03
N SER A 337 -13.22 1.45 4.91
CA SER A 337 -14.04 0.28 5.21
C SER A 337 -14.13 -0.63 3.98
N HIS A 338 -13.68 -1.87 4.14
CA HIS A 338 -13.73 -2.85 3.08
C HIS A 338 -15.20 -3.17 2.71
N ASP A 339 -16.04 -3.37 3.72
CA ASP A 339 -17.46 -3.68 3.45
C ASP A 339 -18.13 -2.53 2.71
N GLU A 340 -17.77 -1.30 3.07
CA GLU A 340 -18.33 -0.13 2.41
C GLU A 340 -17.97 -0.15 0.92
N MET A 341 -16.73 -0.48 0.62
N MET A 341 -16.73 -0.50 0.61
CA MET A 341 -16.26 -0.61 -0.75
CA MET A 341 -16.31 -0.56 -0.78
C MET A 341 -17.06 -1.66 -1.50
C MET A 341 -17.05 -1.67 -1.53
N ILE A 342 -17.23 -2.82 -0.88
CA ILE A 342 -17.97 -3.94 -1.47
C ILE A 342 -19.42 -3.52 -1.82
N CYS A 343 -20.07 -2.82 -0.88
CA CYS A 343 -21.47 -2.41 -1.09
C CYS A 343 -21.57 -1.31 -2.11
N LYS A 344 -20.58 -0.42 -2.16
CA LYS A 344 -20.55 0.62 -3.20
C LYS A 344 -20.49 -0.05 -4.57
N MET A 345 -19.67 -1.08 -4.69
CA MET A 345 -19.57 -1.78 -5.96
C MET A 345 -20.86 -2.53 -6.31
N ALA A 346 -21.45 -3.19 -5.33
CA ALA A 346 -22.76 -3.84 -5.52
C ALA A 346 -23.83 -2.83 -6.00
N SER A 347 -23.81 -1.62 -5.45
CA SER A 347 -24.77 -0.59 -5.85
C SER A 347 -24.52 -0.09 -7.27
N LYS A 348 -23.39 -0.48 -7.86
CA LYS A 348 -23.04 -0.11 -9.23
C LYS A 348 -22.87 -1.35 -10.11
N ALA A 349 -23.55 -2.43 -9.74
CA ALA A 349 -23.35 -3.73 -10.38
C ALA A 349 -23.48 -3.66 -11.91
N ASP A 350 -24.39 -2.83 -12.41
CA ASP A 350 -24.66 -2.80 -13.86
C ASP A 350 -23.49 -2.27 -14.69
N VAL A 351 -22.58 -1.52 -14.09
CA VAL A 351 -21.47 -0.95 -14.87
C VAL A 351 -20.14 -1.62 -14.56
N LEU A 352 -20.15 -2.58 -13.64
CA LEU A 352 -18.94 -3.32 -13.31
C LEU A 352 -18.54 -4.27 -14.42
N ASP A 353 -17.23 -4.40 -14.63
CA ASP A 353 -16.66 -5.50 -15.38
C ASP A 353 -17.24 -6.82 -14.86
N VAL A 354 -17.50 -7.78 -15.76
CA VAL A 354 -18.23 -8.98 -15.36
C VAL A 354 -17.44 -9.93 -14.45
N VAL A 355 -16.12 -9.97 -14.61
CA VAL A 355 -15.31 -10.80 -13.73
C VAL A 355 -15.18 -10.12 -12.37
N VAL A 356 -15.12 -8.79 -12.38
CA VAL A 356 -15.15 -8.03 -11.14
C VAL A 356 -16.45 -8.31 -10.40
N ALA A 357 -17.57 -8.19 -11.10
CA ALA A 357 -18.89 -8.46 -10.53
C ALA A 357 -18.93 -9.83 -9.89
N SER A 358 -18.43 -10.83 -10.61
CA SER A 358 -18.43 -12.19 -10.09
C SER A 358 -17.59 -12.35 -8.81
N THR A 359 -16.46 -11.66 -8.74
CA THR A 359 -15.57 -11.79 -7.59
C THR A 359 -16.13 -11.02 -6.38
N VAL A 360 -16.67 -9.83 -6.63
CA VAL A 360 -17.34 -9.07 -5.58
C VAL A 360 -18.52 -9.85 -4.99
N GLN A 361 -19.25 -10.55 -5.87
CA GLN A 361 -20.39 -11.33 -5.41
C GLN A 361 -19.97 -12.37 -4.36
N LYS A 362 -18.82 -13.00 -4.58
CA LYS A 362 -18.34 -14.02 -3.65
C LYS A 362 -17.92 -13.45 -2.29
N ASP A 363 -17.26 -12.30 -2.30
CA ASP A 363 -16.86 -11.64 -1.05
C ASP A 363 -18.11 -11.18 -0.32
N MET A 364 -19.08 -10.68 -1.08
CA MET A 364 -20.30 -10.16 -0.50
C MET A 364 -21.08 -11.28 0.19
N ALA A 365 -21.05 -12.47 -0.38
CA ALA A 365 -21.73 -13.61 0.22
C ALA A 365 -21.13 -13.95 1.58
N ILE A 366 -19.80 -13.85 1.67
CA ILE A 366 -19.14 -14.12 2.94
C ILE A 366 -19.49 -13.03 3.94
N MET A 367 -19.47 -11.78 3.46
CA MET A 367 -19.82 -10.62 4.29
C MET A 367 -21.20 -10.81 4.93
N ILE A 368 -22.16 -11.18 4.08
CA ILE A 368 -23.53 -11.28 4.53
C ILE A 368 -23.68 -12.43 5.54
N GLU A 369 -23.07 -13.56 5.25
CA GLU A 369 -23.15 -14.67 6.19
C GLU A 369 -22.48 -14.36 7.52
N ASP A 370 -21.34 -13.68 7.50
CA ASP A 370 -20.72 -13.27 8.75
C ASP A 370 -21.61 -12.28 9.51
N GLU A 371 -22.24 -11.37 8.77
CA GLU A 371 -23.03 -10.31 9.38
C GLU A 371 -24.27 -10.92 10.03
N LYS A 372 -24.86 -11.89 9.35
CA LYS A 372 -26.01 -12.61 9.88
C LYS A 372 -25.69 -13.23 11.25
N ALA A 373 -24.54 -13.90 11.35
CA ALA A 373 -24.15 -14.57 12.58
C ALA A 373 -23.85 -13.58 13.70
N LEU A 374 -23.25 -12.45 13.35
CA LEU A 374 -22.91 -11.42 14.34
C LEU A 374 -24.17 -10.80 14.92
N ARG A 375 -25.14 -10.54 14.05
CA ARG A 375 -26.40 -9.95 14.50
C ARG A 375 -27.17 -10.93 15.38
N GLU A 376 -27.15 -12.22 15.05
CA GLU A 376 -27.80 -13.22 15.88
C GLU A 376 -27.15 -13.27 17.26
N THR A 377 -25.83 -13.23 17.29
CA THR A 377 -25.09 -13.16 18.55
C THR A 377 -25.43 -11.94 19.41
N VAL A 378 -25.53 -10.74 18.82
CA VAL A 378 -25.74 -9.59 19.68
C VAL A 378 -27.18 -9.55 20.17
N ARG A 379 -28.11 -10.09 19.39
CA ARG A 379 -29.51 -10.20 19.83
C ARG A 379 -29.59 -11.10 21.08
N LYS A 380 -28.82 -12.19 21.07
CA LYS A 380 -28.79 -13.10 22.21
C LYS A 380 -28.13 -12.48 23.43
N LEU A 381 -27.36 -11.42 23.20
CA LEU A 381 -26.77 -10.70 24.32
C LEU A 381 -27.75 -9.71 24.94
N GLY A 382 -28.89 -9.52 24.29
CA GLY A 382 -29.93 -8.68 24.88
C GLY A 382 -30.07 -7.33 24.22
N VAL A 383 -29.40 -7.14 23.08
CA VAL A 383 -29.59 -5.90 22.32
C VAL A 383 -30.81 -6.07 21.46
N ILE A 384 -31.82 -5.24 21.69
CA ILE A 384 -33.09 -5.45 21.03
C ILE A 384 -33.44 -4.32 20.09
N ASP A 385 -33.32 -3.11 20.60
CA ASP A 385 -33.61 -1.93 19.81
C ASP A 385 -32.64 -1.81 18.63
N SER A 386 -33.10 -1.30 17.50
CA SER A 386 -32.23 -1.06 16.36
C SER A 386 -32.72 0.14 15.57
N GLU A 387 -31.82 0.73 14.78
CA GLU A 387 -32.17 1.81 13.86
C GLU A 387 -31.19 1.83 12.69
N ARG A 388 -31.69 2.06 11.49
CA ARG A 388 -30.84 2.17 10.31
C ARG A 388 -29.90 3.35 10.49
N MET A 389 -28.67 3.23 9.99
CA MET A 389 -27.74 4.35 10.09
C MET A 389 -26.83 4.38 8.88
N ASP A 390 -26.75 5.54 8.23
CA ASP A 390 -25.89 5.71 7.05
C ASP A 390 -24.45 5.96 7.45
N PHE A 391 -23.76 4.90 7.86
CA PHE A 391 -22.38 4.99 8.36
C PHE A 391 -21.46 5.77 7.42
N GLU A 392 -21.68 5.67 6.11
CA GLU A 392 -20.75 6.26 5.15
C GLU A 392 -20.73 7.80 5.25
N LEU A 393 -21.73 8.38 5.89
CA LEU A 393 -21.79 9.84 6.08
C LEU A 393 -20.91 10.34 7.25
N LEU A 394 -20.57 9.45 8.17
CA LEU A 394 -19.77 9.85 9.33
C LEU A 394 -18.31 9.92 8.97
N PRO A 395 -17.62 10.99 9.41
CA PRO A 395 -16.16 10.99 9.32
C PRO A 395 -15.61 9.71 9.95
N ASP A 396 -14.50 9.20 9.44
CA ASP A 396 -13.92 7.96 9.96
C ASP A 396 -13.72 7.99 11.47
N ASP A 397 -13.24 9.11 11.99
CA ASP A 397 -12.90 9.19 13.40
C ASP A 397 -14.16 9.19 14.26
N GLU A 398 -15.33 9.27 13.62
CA GLU A 398 -16.57 9.15 14.37
C GLU A 398 -17.26 7.79 14.18
N ARG A 399 -16.62 6.86 13.48
CA ARG A 399 -17.18 5.52 13.41
C ARG A 399 -16.14 4.40 13.58
N GLN A 400 -15.17 4.64 14.44
CA GLN A 400 -14.24 3.59 14.82
C GLN A 400 -14.68 2.91 16.11
N CYS A 401 -14.62 1.57 16.12
CA CYS A 401 -14.89 0.79 17.32
C CYS A 401 -13.99 1.27 18.44
N VAL A 402 -14.59 1.61 19.58
CA VAL A 402 -13.86 2.05 20.76
C VAL A 402 -12.70 1.12 21.13
N LYS A 403 -12.96 -0.17 20.99
CA LYS A 403 -12.02 -1.23 21.35
C LYS A 403 -10.97 -1.57 20.27
N CYS A 404 -11.41 -1.97 19.09
CA CYS A 404 -10.47 -2.52 18.10
C CYS A 404 -10.12 -1.55 16.97
N LYS A 405 -10.75 -0.38 16.99
CA LYS A 405 -10.50 0.74 16.09
C LYS A 405 -10.99 0.51 14.65
N THR A 406 -11.68 -0.59 14.39
CA THR A 406 -12.13 -0.88 13.02
C THR A 406 -13.12 0.20 12.55
N THR A 407 -13.11 0.47 11.25
CA THR A 407 -14.05 1.43 10.69
C THR A 407 -15.38 0.71 10.45
N CYS A 408 -16.41 1.13 11.18
CA CYS A 408 -17.70 0.46 11.09
C CYS A 408 -18.43 0.83 9.81
N PHE A 409 -19.20 -0.10 9.26
CA PHE A 409 -20.07 0.19 8.15
C PHE A 409 -21.33 -0.69 8.13
N MET A 410 -21.15 -2.01 8.20
N MET A 410 -21.17 -2.00 8.23
CA MET A 410 -22.30 -2.93 8.22
CA MET A 410 -22.35 -2.86 8.15
C MET A 410 -23.21 -2.61 9.39
C MET A 410 -23.24 -2.67 9.39
N SER A 411 -22.60 -2.54 10.57
CA SER A 411 -23.32 -2.31 11.82
C SER A 411 -22.42 -1.92 12.98
N ALA A 412 -23.03 -1.37 14.03
CA ALA A 412 -22.33 -1.09 15.28
C ALA A 412 -23.34 -1.05 16.41
N ILE A 413 -22.84 -0.97 17.64
CA ILE A 413 -23.67 -0.79 18.82
C ILE A 413 -23.40 0.58 19.44
N SER A 414 -24.48 1.29 19.78
CA SER A 414 -24.38 2.56 20.47
C SER A 414 -25.14 2.51 21.79
N CYS A 415 -24.87 3.47 22.67
CA CYS A 415 -25.63 3.62 23.91
C CYS A 415 -25.81 5.10 24.23
N SER A 416 -27.04 5.48 24.55
CA SER A 416 -27.38 6.87 24.92
C SER A 416 -26.49 7.40 26.04
N CYS A 417 -26.08 6.49 26.92
CA CYS A 417 -25.07 6.77 27.94
C CYS A 417 -23.75 7.39 27.44
N LYS A 418 -23.26 6.92 26.29
CA LYS A 418 -22.00 7.40 25.73
C LYS A 418 -22.22 8.01 24.34
N PRO A 419 -22.78 9.23 24.27
CA PRO A 419 -23.16 9.79 22.97
C PRO A 419 -22.01 9.81 21.96
N GLY A 420 -22.27 9.29 20.77
CA GLY A 420 -21.30 9.32 19.70
C GLY A 420 -20.32 8.16 19.68
N LEU A 421 -20.24 7.40 20.77
CA LEU A 421 -19.32 6.25 20.81
C LEU A 421 -19.94 4.99 20.19
N LEU A 422 -19.10 4.19 19.55
CA LEU A 422 -19.54 2.99 18.88
C LEU A 422 -18.60 1.83 19.14
N VAL A 423 -19.15 0.61 19.15
CA VAL A 423 -18.32 -0.58 19.07
C VAL A 423 -18.84 -1.42 17.91
N CYS A 424 -17.93 -2.16 17.29
CA CYS A 424 -18.33 -3.13 16.29
C CYS A 424 -19.01 -4.29 17.02
N LEU A 425 -19.60 -5.21 16.28
CA LEU A 425 -20.41 -6.24 16.93
C LEU A 425 -19.55 -7.32 17.59
N HIS A 426 -18.23 -7.29 17.37
CA HIS A 426 -17.31 -8.16 18.12
C HIS A 426 -17.07 -7.67 19.53
N HIS A 427 -17.39 -6.41 19.80
CA HIS A 427 -17.01 -5.80 21.06
C HIS A 427 -18.18 -5.14 21.80
N VAL A 428 -19.33 -5.78 21.72
CA VAL A 428 -20.53 -5.29 22.41
C VAL A 428 -20.28 -5.06 23.91
N LYS A 429 -19.45 -5.89 24.54
CA LYS A 429 -19.18 -5.77 25.97
C LYS A 429 -18.27 -4.61 26.34
N GLU A 430 -17.70 -3.94 25.34
CA GLU A 430 -16.65 -2.96 25.61
C GLU A 430 -17.12 -1.52 25.50
N LEU A 431 -18.42 -1.31 25.31
CA LEU A 431 -18.91 0.05 25.09
C LEU A 431 -19.13 0.86 26.38
N CYS A 432 -19.85 0.27 27.34
CA CYS A 432 -20.12 0.92 28.62
C CYS A 432 -20.69 -0.07 29.63
N SER A 433 -21.00 0.42 30.83
CA SER A 433 -21.46 -0.44 31.91
C SER A 433 -22.98 -0.63 31.94
N CYS A 434 -23.72 0.10 31.10
CA CYS A 434 -25.16 -0.08 31.02
C CYS A 434 -25.50 -1.47 30.55
N PRO A 435 -26.65 -2.01 31.00
CA PRO A 435 -27.17 -3.27 30.48
C PRO A 435 -27.48 -3.16 29.01
N PRO A 436 -27.29 -4.23 28.24
CA PRO A 436 -27.52 -4.28 26.79
C PRO A 436 -28.93 -3.89 26.34
N TYR A 437 -29.95 -3.93 27.19
CA TYR A 437 -31.27 -3.48 26.73
C TYR A 437 -31.28 -1.98 26.49
N LYS A 438 -30.28 -1.27 27.01
CA LYS A 438 -30.15 0.16 26.74
C LYS A 438 -29.47 0.47 25.40
N TYR A 439 -28.98 -0.57 24.74
CA TYR A 439 -28.17 -0.40 23.53
C TYR A 439 -29.05 -0.36 22.28
N LYS A 440 -28.51 0.20 21.19
CA LYS A 440 -29.14 0.12 19.89
C LYS A 440 -28.19 -0.53 18.91
N LEU A 441 -28.68 -1.48 18.13
CA LEU A 441 -28.00 -1.93 16.96
C LEU A 441 -28.20 -0.91 15.84
N ARG A 442 -27.11 -0.25 15.42
CA ARG A 442 -27.17 0.64 14.25
C ARG A 442 -26.70 -0.13 13.03
N TYR A 443 -27.50 -0.16 11.96
CA TYR A 443 -27.15 -1.01 10.83
C TYR A 443 -27.31 -0.26 9.53
N ARG A 444 -26.43 -0.53 8.57
CA ARG A 444 -26.58 0.15 7.27
C ARG A 444 -27.72 -0.44 6.44
N TYR A 445 -27.81 -1.77 6.43
CA TYR A 445 -28.79 -2.51 5.62
C TYR A 445 -29.45 -3.60 6.44
N THR A 446 -30.71 -3.91 6.14
CA THR A 446 -31.28 -5.15 6.65
C THR A 446 -30.72 -6.28 5.80
N LEU A 447 -30.74 -7.49 6.34
CA LEU A 447 -30.37 -8.67 5.55
C LEU A 447 -31.22 -8.75 4.29
N ASP A 448 -32.48 -8.36 4.37
CA ASP A 448 -33.35 -8.31 3.20
C ASP A 448 -32.93 -7.28 2.14
N ASP A 449 -32.29 -6.18 2.53
CA ASP A 449 -31.74 -5.20 1.56
C ASP A 449 -30.55 -5.81 0.82
N LEU A 450 -29.80 -6.66 1.52
CA LEU A 450 -28.50 -7.13 1.05
C LEU A 450 -28.59 -8.21 -0.03
N TYR A 451 -29.51 -9.15 0.13
CA TYR A 451 -29.61 -10.24 -0.86
C TYR A 451 -29.93 -9.75 -2.29
N PRO A 452 -30.80 -8.74 -2.46
CA PRO A 452 -30.98 -8.21 -3.82
C PRO A 452 -29.75 -7.51 -4.39
N MET A 453 -28.95 -6.86 -3.54
CA MET A 453 -27.73 -6.21 -4.02
C MET A 453 -26.81 -7.29 -4.57
N MET A 454 -26.72 -8.40 -3.84
CA MET A 454 -25.87 -9.48 -4.29
C MET A 454 -26.41 -10.14 -5.56
N ASN A 455 -27.74 -10.17 -5.71
N ASN A 455 -27.74 -10.15 -5.71
CA ASN A 455 -28.36 -10.72 -6.91
CA ASN A 455 -28.37 -10.73 -6.90
C ASN A 455 -28.07 -9.90 -8.16
C ASN A 455 -28.10 -9.91 -8.16
N ALA A 456 -27.93 -8.60 -7.99
CA ALA A 456 -27.62 -7.73 -9.11
C ALA A 456 -26.24 -8.07 -9.66
N LEU A 457 -25.32 -8.37 -8.75
CA LEU A 457 -23.96 -8.77 -9.11
C LEU A 457 -23.98 -10.09 -9.86
N LYS A 458 -24.77 -11.03 -9.38
CA LYS A 458 -24.92 -12.33 -10.03
C LYS A 458 -25.46 -12.17 -11.46
N LEU A 459 -26.49 -11.34 -11.62
CA LEU A 459 -27.05 -11.06 -12.94
C LEU A 459 -26.02 -10.43 -13.87
N ARG A 460 -25.25 -9.49 -13.35
CA ARG A 460 -24.21 -8.85 -14.14
C ARG A 460 -23.13 -9.88 -14.50
N ALA A 461 -22.77 -10.72 -13.54
CA ALA A 461 -21.77 -11.76 -13.81
C ALA A 461 -22.33 -12.82 -14.75
N GLU A 462 -23.64 -12.74 -15.01
CA GLU A 462 -24.39 -13.74 -15.77
C GLU A 462 -24.17 -15.09 -15.14
N SER A 463 -24.97 -15.34 -14.11
CA SER A 463 -24.82 -16.52 -13.28
C SER A 463 -26.16 -16.92 -12.67
ZN ZN B . -14.40 -3.75 17.58
ZN ZN C . -24.24 3.11 28.46
MN MN D . 25.13 3.37 11.98
MN MN E . 5.87 -0.11 -0.32
MN MN F . -9.73 -7.92 21.83
N1 EPE G . 2.56 -4.48 11.89
C2 EPE G . 2.67 -3.31 12.77
C3 EPE G . 4.01 -3.31 13.51
N4 EPE G . 5.14 -3.58 12.65
C5 EPE G . 4.97 -4.58 11.60
C6 EPE G . 3.64 -4.44 10.89
C7 EPE G . 6.47 -3.40 13.21
C8 EPE G . 7.49 -2.73 12.29
O8 EPE G . 7.76 -3.51 11.16
C9 EPE G . 1.27 -4.39 11.17
C10 EPE G . 0.92 -5.73 10.53
S EPE G . -0.56 -5.56 9.49
O1S EPE G . -0.92 -6.83 8.86
O2S EPE G . -0.34 -4.54 8.48
O3S EPE G . -1.64 -5.17 10.41
C1 EDO H . 3.77 2.73 -2.77
O1 EDO H . 4.85 3.62 -2.41
C2 EDO H . 2.62 3.56 -3.32
O2 EDO H . 2.46 4.73 -2.51
C1 EDO I . -18.40 -3.39 10.86
O1 EDO I . -19.43 -2.38 10.98
C2 EDO I . -18.50 -4.26 9.59
O2 EDO I . -18.55 -3.49 8.36
C1 EDO J . 9.06 14.76 -3.29
O1 EDO J . 9.80 13.63 -3.78
C2 EDO J . 7.97 15.11 -4.30
O2 EDO J . 7.15 16.15 -3.77
C1 EDO K . -31.79 -5.54 12.37
O1 EDO K . -30.93 -6.41 11.61
C2 EDO K . -32.71 -4.84 11.39
O2 EDO K . -33.09 -5.80 10.39
C1 EDO L . -17.63 -7.93 8.73
O1 EDO L . -17.71 -7.83 7.30
C2 EDO L . -18.76 -8.85 9.16
O2 EDO L . -19.86 -8.58 8.28
C1 EDO M . 16.28 -16.51 0.25
O1 EDO M . 17.38 -17.36 0.58
C2 EDO M . 15.45 -17.14 -0.87
O2 EDO M . 15.36 -18.57 -0.72
C1 EDO N . -16.94 6.13 17.87
O1 EDO N . -16.30 5.20 18.75
C2 EDO N . -16.00 7.26 17.45
O2 EDO N . -15.09 6.82 16.43
C1 EDO O . -0.44 -13.64 1.95
O1 EDO O . -0.13 -15.02 1.68
C2 EDO O . -1.67 -13.54 2.85
O2 EDO O . -1.34 -13.97 4.18
C1 EDO P . -31.16 -6.00 17.33
O1 EDO P . -30.47 -7.02 18.07
C2 EDO P . -32.41 -6.58 16.67
O2 EDO P . -33.43 -6.76 17.67
C1 EDO Q . 13.83 7.00 0.80
O1 EDO Q . 14.37 7.73 -0.32
C2 EDO Q . 12.34 6.68 0.57
O2 EDO Q . 12.16 5.99 -0.70
C1 EDO R . 0.94 0.44 -23.75
O1 EDO R . 0.19 -0.22 -22.70
C2 EDO R . 0.58 1.92 -23.77
O2 EDO R . 1.27 2.62 -24.81
#